data_4ITF
#
_entry.id   4ITF
#
_cell.length_a   44.353
_cell.length_b   51.809
_cell.length_c   132.080
_cell.angle_alpha   90.00
_cell.angle_beta   90.00
_cell.angle_gamma   90.00
#
_symmetry.space_group_name_H-M   'P 21 21 21'
#
loop_
_entity.id
_entity.type
_entity.pdbx_description
1 polymer 'Vitamin D3 receptor'
2 non-polymer (1R,2S,3S,5Z)-5-[(2E)-2-[(1R,3aS,7aR)-7a-methyl-1-[(2R)-6-methyl-6-oxidanyl-heptan-2-yl]-2,3,3a,5,6,7-hexahydro-1H-inden-4-ylidene]ethylidene]-4-methylidene-2-[2-(1,2,3,4-tetrazol-1-yl)ethyl]cyclohexane-1,3-diol
3 water water
#
_entity_poly.entity_id   1
_entity_poly.type   'polypeptide(L)'
_entity_poly.pdbx_seq_one_letter_code
;GSHMDSLRPKLSEEQQRIIAILLDAHHKTYDPTYSDFCQFRPPVRVNDGGGSVTLELSQLSMLPHLADLVSYSIQKVIGF
AKMIPGFRDLTSEDQIVLLKSSAIEVIMLRSNESFTMDDMSWTCGNQDYKYRVSDVTKAGHSLELIEPLIKFQVGLKKLN
LHEEEHVLLMAICIVSPDRPGVQDAALIEAIQDRLSNTLQTYIRCRHPPPGSHLLYAKMIQKLADLRSLNEEHSKQYRCL
SFQPECSMKLTPLVLEVFGNEIS
;
_entity_poly.pdbx_strand_id   A
#
loop_
_chem_comp.id
_chem_comp.type
_chem_comp.name
_chem_comp.formula
TFY non-polymer (1R,2S,3S,5Z)-5-[(2E)-2-[(1R,3aS,7aR)-7a-methyl-1-[(2R)-6-methyl-6-oxidanyl-heptan-2-yl]-2,3,3a,5,6,7-hexahydro-1H-inden-4-ylidene]ethylidene]-4-methylidene-2-[2-(1,2,3,4-tetrazol-1-yl)ethyl]cyclohexane-1,3-diol 'C30 H48 N4 O3'
#
# COMPACT_ATOMS: atom_id res chain seq x y z
N ASP A 5 -5.17 -19.89 29.20
CA ASP A 5 -3.95 -19.02 29.32
C ASP A 5 -2.96 -19.10 28.17
N SER A 6 -2.82 -18.00 27.44
CA SER A 6 -2.09 -17.98 26.18
C SER A 6 -2.44 -19.21 25.35
N LEU A 7 -3.72 -19.32 25.00
CA LEU A 7 -4.22 -20.37 24.12
C LEU A 7 -3.69 -20.20 22.69
N ARG A 8 -3.27 -21.31 22.08
CA ARG A 8 -2.78 -21.32 20.71
C ARG A 8 -3.59 -22.22 19.77
N PRO A 9 -4.85 -21.83 19.46
CA PRO A 9 -5.67 -22.67 18.57
C PRO A 9 -4.99 -22.94 17.23
N LYS A 10 -5.11 -24.16 16.73
CA LYS A 10 -4.56 -24.52 15.43
C LYS A 10 -5.32 -23.83 14.32
N LEU A 11 -4.65 -23.59 13.19
CA LEU A 11 -5.30 -22.98 12.04
C LEU A 11 -6.41 -23.87 11.49
N SER A 12 -7.61 -23.32 11.36
CA SER A 12 -8.70 -24.05 10.74
C SER A 12 -8.37 -24.35 9.25
N GLU A 13 -9.12 -25.28 8.66
CA GLU A 13 -8.92 -25.60 7.25
C GLU A 13 -9.35 -24.44 6.36
N GLU A 14 -10.39 -23.73 6.78
CA GLU A 14 -10.76 -22.48 6.13
C GLU A 14 -9.64 -21.43 6.28
N GLN A 15 -9.14 -21.24 7.50
CA GLN A 15 -8.09 -20.27 7.74
C GLN A 15 -6.89 -20.55 6.84
N GLN A 16 -6.55 -21.81 6.67
CA GLN A 16 -5.46 -22.17 5.75
C GLN A 16 -5.79 -21.83 4.30
N ARG A 17 -6.98 -22.20 3.84
CA ARG A 17 -7.36 -21.87 2.48
C ARG A 17 -7.24 -20.35 2.20
N ILE A 18 -7.72 -19.54 3.15
CA ILE A 18 -7.63 -18.07 3.07
C ILE A 18 -6.18 -17.63 2.83
N ILE A 19 -5.24 -18.12 3.64
CA ILE A 19 -3.82 -17.78 3.51
C ILE A 19 -3.31 -18.17 2.11
N ALA A 20 -3.41 -19.46 1.78
CA ALA A 20 -3.10 -19.96 0.45
C ALA A 20 -3.66 -19.02 -0.63
N ILE A 21 -4.95 -18.70 -0.54
CA ILE A 21 -5.60 -17.84 -1.52
C ILE A 21 -4.93 -16.45 -1.63
N LEU A 22 -4.56 -15.88 -0.48
CA LEU A 22 -3.97 -14.55 -0.41
C LEU A 22 -2.49 -14.54 -0.84
N LEU A 23 -1.75 -15.52 -0.33
CA LEU A 23 -0.38 -15.83 -0.77
C LEU A 23 -0.31 -15.94 -2.28
N ASP A 24 -1.25 -16.68 -2.86
CA ASP A 24 -1.33 -16.84 -4.28
C ASP A 24 -1.74 -15.54 -4.99
N ALA A 25 -2.75 -14.85 -4.45
CA ALA A 25 -3.19 -13.60 -5.07
C ALA A 25 -2.01 -12.63 -5.23
N HIS A 26 -1.17 -12.57 -4.19
CA HIS A 26 -0.03 -11.65 -4.14
C HIS A 26 1.02 -12.04 -5.16
N HIS A 27 1.29 -13.33 -5.26
CA HIS A 27 2.23 -13.84 -6.27
C HIS A 27 1.79 -13.50 -7.68
N LYS A 28 0.47 -13.40 -7.87
CA LYS A 28 -0.12 -13.18 -9.19
C LYS A 28 -0.24 -11.70 -9.51
N THR A 29 -0.13 -10.86 -8.49
CA THR A 29 -0.30 -9.43 -8.67
C THR A 29 0.94 -8.57 -8.34
N TYR A 30 1.98 -9.17 -7.78
CA TYR A 30 3.23 -8.43 -7.50
C TYR A 30 4.45 -9.10 -8.13
N ASP A 31 5.08 -8.37 -9.05
CA ASP A 31 6.27 -8.80 -9.82
C ASP A 31 7.58 -8.35 -9.15
N PRO A 32 8.27 -9.28 -8.44
CA PRO A 32 9.46 -8.93 -7.66
C PRO A 32 10.68 -8.58 -8.52
N THR A 33 10.51 -8.64 -9.84
CA THR A 33 11.60 -8.44 -10.80
C THR A 33 11.48 -7.08 -11.50
N TYR A 34 10.30 -6.47 -11.41
CA TYR A 34 10.13 -5.08 -11.87
C TYR A 34 10.41 -4.89 -13.37
N SER A 35 10.02 -5.88 -14.16
CA SER A 35 10.28 -5.94 -15.61
C SER A 35 9.31 -5.09 -16.44
N ASP A 36 8.21 -4.67 -15.85
CA ASP A 36 7.25 -3.80 -16.52
C ASP A 36 7.66 -2.32 -16.58
N PHE A 37 8.75 -1.97 -15.91
CA PHE A 37 9.05 -0.55 -15.66
C PHE A 37 9.45 0.26 -16.91
N CYS A 38 10.14 -0.38 -17.83
CA CYS A 38 10.59 0.30 -19.05
C CYS A 38 9.37 0.81 -19.83
N GLN A 39 8.22 0.23 -19.55
CA GLN A 39 6.99 0.66 -20.18
C GLN A 39 6.48 1.99 -19.62
N PHE A 40 6.81 2.31 -18.37
CA PHE A 40 6.39 3.57 -17.77
C PHE A 40 7.14 4.71 -18.42
N ARG A 41 6.47 5.85 -18.57
CA ARG A 41 7.16 7.08 -18.94
C ARG A 41 8.49 7.23 -18.17
N PRO A 42 9.55 7.64 -18.88
CA PRO A 42 10.89 7.60 -18.28
C PRO A 42 11.06 8.52 -17.05
N PRO A 43 11.86 8.06 -16.06
CA PRO A 43 12.18 8.96 -14.95
C PRO A 43 13.04 10.14 -15.42
N VAL A 44 12.68 11.35 -15.00
CA VAL A 44 13.52 12.52 -15.21
C VAL A 44 13.91 13.13 -13.87
N ARG A 45 15.20 13.17 -13.61
CA ARG A 45 15.75 13.76 -12.41
C ARG A 45 16.51 15.05 -12.75
N VAL A 46 15.83 16.20 -12.64
CA VAL A 46 16.51 17.51 -12.81
C VAL A 46 17.33 17.86 -11.57
N ASN A 47 18.23 18.85 -11.71
CA ASN A 47 19.05 19.27 -10.57
C ASN A 47 18.42 20.34 -9.69
N ASP A 48 18.56 20.13 -8.38
CA ASP A 48 18.22 21.08 -7.31
C ASP A 48 18.53 20.47 -5.93
N GLY A 49 19.07 21.30 -5.03
CA GLY A 49 19.27 20.92 -3.64
C GLY A 49 18.38 21.73 -2.73
N SER A 52 13.96 22.85 -4.10
CA SER A 52 13.12 24.04 -4.31
C SER A 52 11.69 23.71 -4.72
N VAL A 53 10.74 24.01 -3.84
CA VAL A 53 9.32 23.79 -4.09
C VAL A 53 8.87 24.41 -5.42
N THR A 54 9.40 25.58 -5.72
CA THR A 54 9.11 26.31 -6.96
C THR A 54 9.60 25.56 -8.21
N LEU A 55 10.88 25.18 -8.22
CA LEU A 55 11.44 24.43 -9.34
C LEU A 55 10.75 23.07 -9.48
N GLU A 56 10.57 22.38 -8.36
CA GLU A 56 9.87 21.12 -8.33
C GLU A 56 8.56 21.19 -9.07
N LEU A 57 7.73 22.15 -8.66
CA LEU A 57 6.42 22.36 -9.27
C LEU A 57 6.50 22.85 -10.72
N SER A 58 7.57 23.58 -11.03
CA SER A 58 7.78 24.07 -12.38
C SER A 58 8.04 22.94 -13.37
N GLN A 59 8.94 22.02 -13.02
CA GLN A 59 9.26 20.92 -13.92
C GLN A 59 8.32 19.69 -13.76
N LEU A 60 7.95 19.38 -12.52
CA LEU A 60 7.34 18.08 -12.17
C LEU A 60 7.97 16.89 -12.94
N SER A 61 9.28 16.74 -12.79
CA SER A 61 10.04 15.90 -13.71
C SER A 61 9.81 14.42 -13.43
N MET A 62 9.58 14.11 -12.15
CA MET A 62 9.39 12.70 -11.76
C MET A 62 7.92 12.29 -11.71
N LEU A 63 7.01 13.25 -11.90
CA LEU A 63 5.59 12.95 -11.82
C LEU A 63 5.05 11.88 -12.80
N PRO A 64 5.35 12.01 -14.13
CA PRO A 64 4.80 11.02 -15.06
C PRO A 64 5.31 9.59 -14.79
N HIS A 65 6.54 9.45 -14.31
CA HIS A 65 7.09 8.13 -14.02
C HIS A 65 6.43 7.51 -12.78
N LEU A 66 6.37 8.29 -11.71
CA LEU A 66 5.76 7.84 -10.46
C LEU A 66 4.25 7.73 -10.58
N ALA A 67 3.66 8.57 -11.43
CA ALA A 67 2.21 8.54 -11.67
C ALA A 67 1.84 7.26 -12.39
N ASP A 68 2.71 6.86 -13.33
CA ASP A 68 2.57 5.60 -14.05
C ASP A 68 2.78 4.44 -13.08
N LEU A 69 3.82 4.54 -12.26
CA LEU A 69 4.13 3.56 -11.23
C LEU A 69 2.95 3.35 -10.27
N VAL A 70 2.38 4.43 -9.75
CA VAL A 70 1.26 4.29 -8.83
C VAL A 70 0.06 3.69 -9.57
N SER A 71 -0.27 4.26 -10.73
CA SER A 71 -1.37 3.77 -11.55
C SER A 71 -1.27 2.26 -11.78
N TYR A 72 -0.09 1.84 -12.22
CA TYR A 72 0.20 0.45 -12.47
C TYR A 72 -0.09 -0.37 -11.22
N SER A 73 0.36 0.14 -10.07
CA SER A 73 0.15 -0.51 -8.78
C SER A 73 -1.34 -0.57 -8.39
N ILE A 74 -2.09 0.49 -8.68
CA ILE A 74 -3.49 0.49 -8.34
C ILE A 74 -4.15 -0.69 -9.07
N GLN A 75 -3.82 -0.84 -10.35
CA GLN A 75 -4.33 -1.96 -11.14
C GLN A 75 -4.01 -3.26 -10.41
N LYS A 76 -2.78 -3.38 -9.90
CA LYS A 76 -2.32 -4.59 -9.22
C LYS A 76 -3.08 -4.87 -7.91
N VAL A 77 -3.34 -3.80 -7.16
CA VAL A 77 -4.11 -3.83 -5.91
C VAL A 77 -5.54 -4.25 -6.21
N ILE A 78 -6.20 -3.59 -7.17
CA ILE A 78 -7.51 -4.01 -7.70
C ILE A 78 -7.57 -5.53 -8.02
N GLY A 79 -6.58 -6.01 -8.76
CA GLY A 79 -6.42 -7.43 -8.97
C GLY A 79 -6.44 -8.15 -7.65
N PHE A 80 -5.56 -7.73 -6.74
CA PHE A 80 -5.40 -8.35 -5.43
C PHE A 80 -6.73 -8.48 -4.66
N ALA A 81 -7.48 -7.37 -4.58
CA ALA A 81 -8.75 -7.31 -3.87
C ALA A 81 -9.78 -8.31 -4.42
N LYS A 82 -9.90 -8.40 -5.74
CA LYS A 82 -10.81 -9.34 -6.38
C LYS A 82 -10.65 -10.78 -5.88
N MET A 83 -9.42 -11.19 -5.55
CA MET A 83 -9.13 -12.55 -5.03
C MET A 83 -9.16 -12.66 -3.51
N ILE A 84 -9.61 -11.61 -2.83
CA ILE A 84 -9.80 -11.66 -1.40
C ILE A 84 -11.10 -12.38 -1.16
N PRO A 85 -11.06 -13.51 -0.40
CA PRO A 85 -12.29 -14.26 -0.08
C PRO A 85 -13.27 -13.33 0.65
N GLY A 86 -14.49 -13.27 0.16
CA GLY A 86 -15.48 -12.34 0.66
C GLY A 86 -15.66 -11.15 -0.24
N PHE A 87 -14.56 -10.65 -0.80
CA PHE A 87 -14.58 -9.38 -1.54
C PHE A 87 -15.61 -9.32 -2.64
N ARG A 88 -15.77 -10.40 -3.40
CA ARG A 88 -16.77 -10.43 -4.48
C ARG A 88 -18.21 -10.51 -3.96
N ASP A 89 -18.40 -10.99 -2.73
CA ASP A 89 -19.72 -10.98 -2.06
C ASP A 89 -20.26 -9.58 -1.68
N LEU A 90 -19.45 -8.55 -1.83
CA LEU A 90 -19.89 -7.19 -1.57
C LEU A 90 -20.52 -6.58 -2.81
N THR A 91 -21.43 -5.63 -2.61
CA THR A 91 -21.98 -4.86 -3.73
C THR A 91 -20.83 -4.12 -4.37
N SER A 92 -20.76 -4.18 -5.69
CA SER A 92 -19.65 -3.55 -6.41
C SER A 92 -19.44 -2.09 -6.02
N GLU A 93 -20.45 -1.49 -5.39
CA GLU A 93 -20.37 -0.11 -4.89
C GLU A 93 -19.47 -0.02 -3.65
N ASP A 94 -19.62 -0.98 -2.73
CA ASP A 94 -18.73 -1.09 -1.58
C ASP A 94 -17.35 -1.62 -2.00
N GLN A 95 -17.26 -2.17 -3.21
CA GLN A 95 -15.95 -2.58 -3.71
C GLN A 95 -15.19 -1.36 -4.22
N ILE A 96 -15.85 -0.52 -5.01
CA ILE A 96 -15.24 0.75 -5.44
C ILE A 96 -14.80 1.60 -4.24
N VAL A 97 -15.70 1.80 -3.25
CA VAL A 97 -15.39 2.68 -2.13
C VAL A 97 -14.18 2.15 -1.38
N LEU A 98 -14.20 0.87 -1.04
CA LEU A 98 -13.12 0.27 -0.28
C LEU A 98 -11.82 0.38 -1.04
N LEU A 99 -11.85 0.20 -2.36
CA LEU A 99 -10.63 0.31 -3.14
C LEU A 99 -10.08 1.72 -3.16
N LYS A 100 -10.91 2.67 -3.56
CA LYS A 100 -10.46 4.04 -3.69
C LYS A 100 -9.87 4.65 -2.41
N SER A 101 -10.43 4.29 -1.28
CA SER A 101 -9.96 4.84 -0.01
C SER A 101 -8.79 4.08 0.63
N SER A 102 -8.39 2.95 0.02
CA SER A 102 -7.28 2.18 0.58
C SER A 102 -6.14 2.03 -0.39
N ALA A 103 -6.42 2.28 -1.67
CA ALA A 103 -5.42 2.21 -2.75
C ALA A 103 -4.07 2.79 -2.35
N ILE A 104 -4.01 4.07 -1.97
CA ILE A 104 -2.75 4.67 -1.50
C ILE A 104 -2.13 3.95 -0.28
N GLU A 105 -2.95 3.48 0.65
CA GLU A 105 -2.44 2.74 1.82
C GLU A 105 -1.83 1.37 1.46
N VAL A 106 -2.57 0.59 0.65
CA VAL A 106 -2.07 -0.69 0.16
C VAL A 106 -0.79 -0.53 -0.67
N ILE A 107 -0.68 0.59 -1.39
CA ILE A 107 0.51 0.88 -2.16
C ILE A 107 1.70 1.16 -1.26
N MET A 108 1.47 1.95 -0.22
CA MET A 108 2.46 2.17 0.82
C MET A 108 2.81 0.84 1.53
N LEU A 109 1.81 0.03 1.83
CA LEU A 109 2.04 -1.31 2.41
C LEU A 109 2.91 -2.20 1.52
N ARG A 110 2.53 -2.31 0.25
CA ARG A 110 3.12 -3.29 -0.67
C ARG A 110 4.51 -2.87 -1.14
N SER A 111 4.77 -1.57 -1.17
CA SER A 111 6.04 -1.02 -1.62
C SER A 111 7.21 -1.42 -0.72
N ASN A 112 6.88 -1.87 0.50
CA ASN A 112 7.87 -2.32 1.47
C ASN A 112 8.71 -3.48 0.94
N GLU A 113 8.19 -4.18 -0.09
CA GLU A 113 8.93 -5.28 -0.69
C GLU A 113 10.15 -4.72 -1.43
N SER A 114 10.04 -3.50 -1.96
CA SER A 114 11.12 -2.88 -2.70
C SER A 114 11.91 -1.91 -1.84
N PHE A 115 11.37 -1.56 -0.68
CA PHE A 115 12.05 -0.63 0.20
C PHE A 115 13.21 -1.34 0.87
N THR A 116 14.39 -0.71 0.84
CA THR A 116 15.58 -1.26 1.49
C THR A 116 16.17 -0.32 2.54
N MET A 117 16.55 -0.89 3.69
CA MET A 117 17.21 -0.16 4.74
C MET A 117 18.69 0.06 4.50
N ASP A 118 19.22 -0.41 3.36
CA ASP A 118 20.61 -0.09 3.02
C ASP A 118 20.90 1.39 2.69
N ASP A 119 19.96 2.07 2.03
CA ASP A 119 20.14 3.48 1.67
C ASP A 119 18.86 4.27 1.85
N MET A 120 17.92 3.66 2.57
CA MET A 120 16.58 4.20 2.74
C MET A 120 15.95 4.59 1.40
N SER A 121 15.89 3.61 0.50
CA SER A 121 15.29 3.77 -0.82
C SER A 121 14.36 2.62 -1.18
N TRP A 122 13.48 2.88 -2.13
CA TRP A 122 12.77 1.82 -2.82
C TRP A 122 13.61 1.49 -4.05
N THR A 123 14.04 0.23 -4.19
CA THR A 123 14.91 -0.15 -5.31
C THR A 123 14.26 -1.20 -6.20
N CYS A 124 13.94 -0.78 -7.42
CA CYS A 124 13.23 -1.63 -8.35
C CYS A 124 14.08 -1.83 -9.59
N GLY A 125 15.39 -1.79 -9.40
CA GLY A 125 16.29 -1.50 -10.52
C GLY A 125 17.38 -2.51 -10.73
N ASN A 126 18.62 -2.11 -11.02
CA ASN A 126 19.17 -0.75 -11.32
C ASN A 126 18.73 0.60 -10.74
N GLN A 127 19.79 1.42 -10.58
CA GLN A 127 19.83 2.87 -10.52
C GLN A 127 18.64 3.68 -11.02
N ASP A 128 18.21 3.42 -12.25
CA ASP A 128 17.15 4.22 -12.86
C ASP A 128 15.83 4.16 -12.10
N TYR A 129 15.56 3.00 -11.50
CA TYR A 129 14.34 2.75 -10.74
C TYR A 129 14.57 2.66 -9.24
N LYS A 130 15.61 3.36 -8.77
CA LYS A 130 15.82 3.60 -7.34
C LYS A 130 15.07 4.88 -6.96
N TYR A 131 14.34 4.87 -5.84
CA TYR A 131 13.52 6.05 -5.43
C TYR A 131 13.77 6.52 -3.99
N ARG A 132 14.25 7.75 -3.85
CA ARG A 132 14.57 8.30 -2.55
C ARG A 132 13.73 9.54 -2.32
N VAL A 133 13.68 9.99 -1.07
CA VAL A 133 13.08 11.28 -0.68
C VAL A 133 13.10 12.37 -1.78
N SER A 134 14.27 12.58 -2.39
CA SER A 134 14.42 13.62 -3.40
C SER A 134 13.60 13.39 -4.68
N ASP A 135 13.48 12.14 -5.16
CA ASP A 135 12.72 11.87 -6.38
C ASP A 135 11.25 12.11 -6.11
N VAL A 136 10.85 11.94 -4.86
CA VAL A 136 9.45 12.07 -4.52
C VAL A 136 9.15 13.56 -4.41
N THR A 137 10.09 14.31 -3.85
CA THR A 137 9.97 15.76 -3.90
C THR A 137 9.85 16.23 -5.36
N LYS A 138 10.68 15.69 -6.24
CA LYS A 138 10.67 16.03 -7.66
C LYS A 138 9.34 15.75 -8.36
N ALA A 139 8.48 14.93 -7.73
CA ALA A 139 7.10 14.70 -8.17
C ALA A 139 6.10 15.64 -7.49
N GLY A 140 6.61 16.68 -6.81
CA GLY A 140 5.76 17.70 -6.21
C GLY A 140 5.21 17.45 -4.81
N HIS A 141 5.82 16.54 -4.05
CA HIS A 141 5.42 16.33 -2.66
C HIS A 141 6.45 16.89 -1.70
N SER A 142 5.99 17.22 -0.50
CA SER A 142 6.80 17.85 0.53
C SER A 142 7.12 16.89 1.68
N LEU A 143 8.14 17.25 2.47
CA LEU A 143 8.66 16.39 3.56
C LEU A 143 7.60 15.86 4.52
N GLU A 144 6.58 16.68 4.79
CA GLU A 144 5.47 16.34 5.68
C GLU A 144 4.82 15.00 5.37
N LEU A 145 4.90 14.56 4.11
CA LEU A 145 4.46 13.20 3.77
C LEU A 145 5.66 12.25 3.67
N ILE A 146 6.73 12.72 3.02
CA ILE A 146 7.84 11.85 2.62
C ILE A 146 8.70 11.36 3.76
N GLU A 147 8.96 12.20 4.74
CA GLU A 147 9.71 11.76 5.93
C GLU A 147 8.94 10.72 6.73
N PRO A 148 7.68 11.00 7.08
CA PRO A 148 6.89 10.03 7.85
C PRO A 148 6.62 8.72 7.10
N LEU A 149 6.58 8.78 5.76
CA LEU A 149 6.42 7.57 4.96
C LEU A 149 7.65 6.68 5.12
N ILE A 150 8.83 7.30 5.09
CA ILE A 150 10.12 6.60 5.30
C ILE A 150 10.16 5.98 6.70
N LYS A 151 9.72 6.73 7.70
CA LYS A 151 9.64 6.26 9.08
C LYS A 151 8.80 4.98 9.15
N PHE A 152 7.66 5.02 8.47
CA PHE A 152 6.72 3.94 8.44
C PHE A 152 7.31 2.74 7.70
N GLN A 153 8.15 3.01 6.71
CA GLN A 153 8.76 1.94 5.93
C GLN A 153 9.71 1.16 6.82
N VAL A 154 10.58 1.88 7.53
CA VAL A 154 11.53 1.28 8.45
C VAL A 154 10.75 0.51 9.53
N GLY A 155 9.83 1.20 10.21
CA GLY A 155 8.88 0.59 11.15
C GLY A 155 8.36 -0.77 10.69
N LEU A 156 7.90 -0.83 9.45
CA LEU A 156 7.34 -2.03 8.87
C LEU A 156 8.41 -3.10 8.59
N LYS A 157 9.50 -2.75 7.90
CA LYS A 157 10.63 -3.67 7.73
C LYS A 157 11.07 -4.37 9.02
N LYS A 158 11.08 -3.63 10.13
CA LYS A 158 11.53 -4.19 11.43
C LYS A 158 10.53 -5.14 12.12
N LEU A 159 9.25 -5.03 11.82
CA LEU A 159 8.30 -6.07 12.23
C LEU A 159 8.69 -7.47 11.70
N ASN A 160 9.46 -7.53 10.61
CA ASN A 160 9.88 -8.79 9.98
C ASN A 160 8.74 -9.74 9.69
N LEU A 161 7.77 -9.26 8.93
CA LEU A 161 6.57 -10.02 8.66
C LEU A 161 6.85 -11.19 7.76
N HIS A 162 6.30 -12.34 8.11
CA HIS A 162 6.15 -13.45 7.19
C HIS A 162 5.27 -12.95 6.05
N GLU A 163 5.50 -13.44 4.85
CA GLU A 163 4.66 -13.02 3.75
C GLU A 163 3.17 -13.25 4.05
N GLU A 164 2.88 -14.31 4.79
CA GLU A 164 1.50 -14.59 5.25
C GLU A 164 0.89 -13.39 5.99
N GLU A 165 1.67 -12.83 6.90
CA GLU A 165 1.26 -11.63 7.62
C GLU A 165 1.20 -10.44 6.68
N HIS A 166 2.16 -10.33 5.76
CA HIS A 166 2.13 -9.26 4.76
C HIS A 166 0.83 -9.27 3.93
N VAL A 167 0.42 -10.40 3.40
CA VAL A 167 -0.79 -10.38 2.57
C VAL A 167 -2.10 -10.16 3.35
N LEU A 168 -2.17 -10.72 4.57
CA LEU A 168 -3.31 -10.55 5.47
C LEU A 168 -3.48 -9.11 5.85
N LEU A 169 -2.36 -8.48 6.26
CA LEU A 169 -2.32 -7.06 6.59
C LEU A 169 -2.90 -6.20 5.48
N MET A 170 -2.51 -6.49 4.23
CA MET A 170 -3.02 -5.79 3.05
C MET A 170 -4.50 -6.06 2.81
N ALA A 171 -4.89 -7.34 2.88
CA ALA A 171 -6.32 -7.71 2.82
C ALA A 171 -7.10 -6.94 3.86
N ILE A 172 -6.70 -7.06 5.12
CA ILE A 172 -7.37 -6.38 6.23
C ILE A 172 -7.56 -4.89 5.94
N CYS A 173 -6.48 -4.23 5.50
CA CYS A 173 -6.51 -2.82 5.15
C CYS A 173 -7.57 -2.50 4.09
N ILE A 174 -7.72 -3.38 3.11
CA ILE A 174 -8.66 -3.12 2.02
C ILE A 174 -10.09 -3.25 2.51
N VAL A 175 -10.33 -4.27 3.32
CA VAL A 175 -11.66 -4.57 3.83
C VAL A 175 -11.85 -3.96 5.22
N SER A 176 -11.78 -2.63 5.29
CA SER A 176 -11.99 -1.87 6.52
C SER A 176 -13.42 -1.37 6.52
N PRO A 177 -14.21 -1.70 7.54
CA PRO A 177 -15.62 -1.29 7.55
C PRO A 177 -15.82 0.20 7.86
N ASP A 178 -14.79 0.84 8.38
CA ASP A 178 -14.92 2.23 8.80
C ASP A 178 -14.28 3.14 7.76
N ARG A 179 -14.87 3.16 6.57
CA ARG A 179 -14.39 4.03 5.51
C ARG A 179 -15.50 4.98 5.07
N PRO A 180 -15.19 6.27 4.91
CA PRO A 180 -16.18 7.21 4.36
C PRO A 180 -16.96 6.63 3.18
N GLY A 181 -18.26 6.44 3.35
CA GLY A 181 -19.15 6.06 2.23
C GLY A 181 -19.60 4.62 2.07
N VAL A 182 -19.18 3.74 2.98
CA VAL A 182 -19.55 2.32 2.90
C VAL A 182 -21.02 2.11 3.29
N GLN A 183 -21.67 1.20 2.57
CA GLN A 183 -23.09 0.89 2.74
C GLN A 183 -23.29 -0.21 3.79
N ASP A 184 -22.73 -1.38 3.52
CA ASP A 184 -22.89 -2.53 4.37
C ASP A 184 -21.64 -2.77 5.22
N ALA A 185 -21.44 -1.91 6.23
CA ALA A 185 -20.32 -2.07 7.18
C ALA A 185 -20.37 -3.41 7.91
N ALA A 186 -21.59 -3.90 8.17
CA ALA A 186 -21.80 -5.18 8.85
C ALA A 186 -21.14 -6.34 8.10
N LEU A 187 -21.46 -6.44 6.81
CA LEU A 187 -20.83 -7.43 5.94
C LEU A 187 -19.33 -7.25 5.88
N ILE A 188 -18.87 -6.03 5.58
CA ILE A 188 -17.44 -5.76 5.47
C ILE A 188 -16.70 -6.10 6.78
N GLU A 189 -17.27 -5.66 7.91
CA GLU A 189 -16.73 -6.02 9.20
C GLU A 189 -16.65 -7.54 9.42
N ALA A 190 -17.56 -8.29 8.79
CA ALA A 190 -17.53 -9.76 8.92
C ALA A 190 -16.32 -10.36 8.19
N ILE A 191 -16.14 -9.94 6.94
CA ILE A 191 -14.95 -10.29 6.15
C ILE A 191 -13.64 -9.92 6.89
N GLN A 192 -13.57 -8.69 7.40
CA GLN A 192 -12.38 -8.29 8.15
C GLN A 192 -12.12 -9.16 9.37
N ASP A 193 -13.17 -9.44 10.14
CA ASP A 193 -12.99 -10.24 11.35
C ASP A 193 -12.42 -11.60 11.01
N ARG A 194 -12.87 -12.16 9.87
CA ARG A 194 -12.43 -13.47 9.42
C ARG A 194 -10.95 -13.40 9.15
N LEU A 195 -10.54 -12.31 8.48
CA LEU A 195 -9.15 -12.07 8.16
C LEU A 195 -8.29 -11.82 9.42
N SER A 196 -8.75 -11.02 10.37
CA SER A 196 -7.98 -10.76 11.60
C SER A 196 -7.83 -11.99 12.46
N ASN A 197 -8.91 -12.76 12.55
CA ASN A 197 -8.89 -14.04 13.23
C ASN A 197 -7.85 -14.95 12.61
N THR A 198 -7.77 -14.93 11.28
CA THR A 198 -6.69 -15.63 10.59
C THR A 198 -5.31 -15.05 10.97
N LEU A 199 -5.16 -13.73 10.95
CA LEU A 199 -3.88 -13.12 11.33
C LEU A 199 -3.50 -13.42 12.79
N GLN A 200 -4.38 -13.07 13.72
CA GLN A 200 -4.17 -13.32 15.14
C GLN A 200 -3.77 -14.76 15.41
N THR A 201 -4.45 -15.71 14.78
CA THR A 201 -4.17 -17.14 14.91
C THR A 201 -2.84 -17.52 14.24
N TYR A 202 -2.64 -17.07 13.01
CA TYR A 202 -1.40 -17.35 12.30
C TYR A 202 -0.17 -16.92 13.11
N ILE A 203 -0.20 -15.71 13.66
CA ILE A 203 0.88 -15.21 14.52
C ILE A 203 1.18 -16.13 15.69
N ARG A 204 0.12 -16.53 16.40
CA ARG A 204 0.21 -17.43 17.57
C ARG A 204 0.81 -18.83 17.31
N CYS A 205 0.52 -19.41 16.15
CA CYS A 205 1.07 -20.73 15.81
C CYS A 205 2.45 -20.69 15.19
N ARG A 206 2.67 -19.74 14.28
CA ARG A 206 3.79 -19.85 13.34
C ARG A 206 4.87 -18.79 13.45
N HIS A 207 4.80 -17.92 14.46
CA HIS A 207 5.79 -16.86 14.57
C HIS A 207 6.74 -17.09 15.73
N PRO A 208 8.06 -17.24 15.44
CA PRO A 208 9.09 -17.16 16.49
C PRO A 208 9.34 -15.72 16.99
N PRO A 209 9.76 -15.53 18.27
CA PRO A 209 9.92 -16.51 19.35
C PRO A 209 8.73 -17.52 19.55
N PRO A 210 7.53 -17.08 20.04
CA PRO A 210 7.08 -15.73 20.43
C PRO A 210 6.87 -15.51 21.92
N GLY A 211 7.57 -14.53 22.47
CA GLY A 211 7.10 -13.84 23.67
C GLY A 211 6.18 -12.76 23.13
N SER A 212 6.60 -12.19 21.99
CA SER A 212 5.90 -11.13 21.28
C SER A 212 4.93 -11.65 20.19
N HIS A 213 3.72 -11.95 20.65
CA HIS A 213 2.51 -11.98 19.82
C HIS A 213 2.06 -10.51 19.76
N LEU A 214 2.76 -9.66 20.55
CA LEU A 214 2.58 -8.19 20.56
C LEU A 214 2.52 -7.65 19.15
N LEU A 215 3.12 -8.41 18.24
CA LEU A 215 3.09 -8.23 16.79
C LEU A 215 1.72 -7.87 16.19
N TYR A 216 0.65 -8.48 16.69
CA TYR A 216 -0.69 -8.11 16.22
C TYR A 216 -1.04 -6.64 16.54
N ALA A 217 -0.74 -6.19 17.76
CA ALA A 217 -1.02 -4.79 18.16
C ALA A 217 -0.22 -3.83 17.31
N LYS A 218 1.02 -4.19 17.04
CA LYS A 218 1.96 -3.42 16.23
C LYS A 218 1.53 -3.32 14.77
N MET A 219 0.88 -4.38 14.30
CA MET A 219 0.35 -4.42 12.93
C MET A 219 -0.88 -3.55 12.80
N ILE A 220 -1.78 -3.62 13.78
CA ILE A 220 -2.95 -2.77 13.85
C ILE A 220 -2.51 -1.32 13.95
N GLN A 221 -1.43 -1.07 14.70
CA GLN A 221 -0.86 0.28 14.79
C GLN A 221 -0.40 0.81 13.43
N LYS A 222 0.19 -0.05 12.60
CA LYS A 222 0.54 0.30 11.22
C LYS A 222 -0.67 0.73 10.38
N LEU A 223 -1.82 0.13 10.64
CA LEU A 223 -3.04 0.49 9.91
C LEU A 223 -3.52 1.86 10.35
N ALA A 224 -3.20 2.23 11.57
CA ALA A 224 -3.48 3.59 12.03
C ALA A 224 -2.50 4.57 11.33
N ASP A 225 -1.19 4.30 11.40
CA ASP A 225 -0.18 5.16 10.75
C ASP A 225 -0.58 5.45 9.28
N LEU A 226 -1.13 4.43 8.62
CA LEU A 226 -1.59 4.51 7.24
C LEU A 226 -2.71 5.55 6.97
N ARG A 227 -3.67 5.65 7.88
CA ARG A 227 -4.78 6.62 7.78
C ARG A 227 -4.25 8.03 7.81
N SER A 228 -3.20 8.24 8.62
CA SER A 228 -2.47 9.51 8.66
C SER A 228 -1.85 9.83 7.32
N LEU A 229 -1.06 8.90 6.79
CA LEU A 229 -0.33 9.19 5.58
C LEU A 229 -1.34 9.39 4.47
N ASN A 230 -2.45 8.68 4.57
CA ASN A 230 -3.53 8.80 3.62
C ASN A 230 -4.08 10.22 3.61
N GLU A 231 -4.47 10.76 4.78
CA GLU A 231 -4.95 12.15 4.83
C GLU A 231 -3.91 13.17 4.34
N GLU A 232 -2.66 12.95 4.72
CA GLU A 232 -1.56 13.82 4.26
C GLU A 232 -1.34 13.73 2.75
N HIS A 233 -1.28 12.51 2.23
CA HIS A 233 -1.15 12.33 0.79
C HIS A 233 -2.27 13.07 0.05
N SER A 234 -3.49 12.84 0.50
CA SER A 234 -4.64 13.46 -0.11
C SER A 234 -4.59 14.99 -0.01
N LYS A 235 -4.04 15.52 1.10
CA LYS A 235 -3.88 16.97 1.24
C LYS A 235 -2.93 17.45 0.17
N GLN A 236 -1.82 16.75 0.01
CA GLN A 236 -0.78 17.13 -0.94
C GLN A 236 -1.17 16.87 -2.40
N TYR A 237 -1.92 15.80 -2.65
CA TYR A 237 -2.43 15.52 -3.98
C TYR A 237 -3.25 16.70 -4.51
N ARG A 238 -4.21 17.15 -3.68
CA ARG A 238 -4.98 18.38 -3.88
C ARG A 238 -4.12 19.52 -4.39
N CYS A 239 -2.99 19.77 -3.72
CA CYS A 239 -2.09 20.87 -4.09
C CYS A 239 -1.37 20.70 -5.43
N LEU A 240 -1.07 19.45 -5.82
CA LEU A 240 -0.58 19.16 -7.17
C LEU A 240 -1.64 19.44 -8.20
N SER A 241 -2.87 19.00 -7.90
CA SER A 241 -3.99 19.23 -8.82
C SER A 241 -4.09 20.73 -9.23
N PHE A 242 -3.73 21.64 -8.32
CA PHE A 242 -3.74 23.08 -8.60
C PHE A 242 -2.65 23.55 -9.59
N GLN A 243 -1.61 22.73 -9.76
CA GLN A 243 -0.58 23.02 -10.74
C GLN A 243 -1.14 22.88 -12.16
N PRO A 244 -1.06 23.95 -12.99
CA PRO A 244 -1.57 23.82 -14.35
C PRO A 244 -0.80 22.79 -15.21
N GLU A 245 -1.51 22.08 -16.09
CA GLU A 245 -0.97 21.05 -17.05
C GLU A 245 -0.60 19.74 -16.35
N CYS A 246 -1.01 19.65 -15.08
CA CYS A 246 -0.61 18.57 -14.22
C CYS A 246 -1.36 17.28 -14.57
N SER A 247 -2.62 17.40 -14.95
CA SER A 247 -3.46 16.22 -15.19
C SER A 247 -2.91 15.38 -16.33
N MET A 248 -2.26 16.03 -17.28
CA MET A 248 -1.63 15.33 -18.39
C MET A 248 -0.42 14.51 -17.90
N LYS A 249 0.16 14.87 -16.77
CA LYS A 249 1.30 14.15 -16.20
C LYS A 249 0.87 12.98 -15.33
N LEU A 250 -0.44 12.78 -15.24
CA LEU A 250 -0.99 11.74 -14.39
C LEU A 250 -1.55 10.59 -15.26
N THR A 251 -2.55 9.87 -14.76
CA THR A 251 -3.26 8.89 -15.57
C THR A 251 -4.74 9.02 -15.25
N PRO A 252 -5.63 8.65 -16.21
CA PRO A 252 -7.09 8.57 -15.94
C PRO A 252 -7.47 7.85 -14.61
N LEU A 253 -6.72 6.81 -14.24
CA LEU A 253 -6.94 6.06 -13.01
C LEU A 253 -6.50 6.81 -11.74
N VAL A 254 -5.29 7.39 -11.78
CA VAL A 254 -4.79 8.18 -10.64
C VAL A 254 -5.72 9.35 -10.37
N LEU A 255 -6.29 9.90 -11.43
CA LEU A 255 -7.20 11.04 -11.35
C LEU A 255 -8.50 10.72 -10.62
N GLU A 256 -9.11 9.60 -10.99
CA GLU A 256 -10.37 9.24 -10.40
C GLU A 256 -10.17 8.79 -8.94
N VAL A 257 -9.11 8.01 -8.69
CA VAL A 257 -8.88 7.47 -7.35
C VAL A 257 -8.64 8.57 -6.30
N PHE A 258 -7.95 9.63 -6.71
CA PHE A 258 -7.53 10.68 -5.78
C PHE A 258 -8.31 12.00 -5.88
N GLY A 259 -8.84 12.33 -7.06
CA GLY A 259 -9.64 13.56 -7.24
C GLY A 259 -10.93 13.68 -6.44
O31 TFY B . 3.60 -1.17 -5.59
C27 TFY B . 4.97 -0.85 -5.31
C26 TFY B . 5.95 -1.59 -6.25
C30 TFY B . 5.92 -1.22 -7.73
C32 TFY B . 4.76 -1.84 -8.52
N33 TFY B . 4.84 -3.29 -8.66
C37 TFY B . 5.84 -4.16 -8.82
N36 TFY B . 5.30 -5.41 -8.88
N35 TFY B . 3.88 -5.30 -8.75
N34 TFY B . 3.59 -3.93 -8.59
C25 TFY B . 7.38 -1.33 -5.80
O29 TFY B . 7.56 -1.81 -4.47
C24 TFY B . 7.72 0.17 -5.86
C28 TFY B . 5.24 0.62 -5.39
C39 TFY B . 4.28 1.48 -5.68
C23 TFY B . 6.66 1.02 -5.19
C11 TFY B . 7.09 2.08 -4.47
C10 TFY B . 6.27 3.04 -3.72
C4 TFY B . 6.72 4.29 -3.50
C3 TFY B . 8.07 4.75 -4.02
C2 TFY B . 7.96 6.12 -4.70
C5 TFY B . 5.91 5.31 -2.74
C8 TFY B . 4.55 4.97 -2.11
C9 TFY B . 3.85 6.34 -1.98
C7 TFY B . 4.81 7.35 -2.65
C6 TFY B . 5.66 6.53 -3.62
C13 TFY B . 4.84 6.15 -4.87
C1 TFY B . 7.02 7.12 -3.99
C14 TFY B . 4.23 8.67 -3.19
C16 TFY B . 4.30 9.72 -2.06
C15 TFY B . 2.82 8.66 -3.82
C17 TFY B . 2.70 9.79 -4.86
C18 TFY B . 1.58 9.56 -5.88
C19 TFY B . 1.05 10.81 -6.57
O22 TFY B . 0.52 11.72 -5.59
C21 TFY B . 2.17 11.50 -7.35
C20 TFY B . -0.08 10.45 -7.54
#